data_2WCN
#
_entry.id   2WCN
#
_cell.length_a   1.000
_cell.length_b   1.000
_cell.length_c   1.000
_cell.angle_alpha   90.00
_cell.angle_beta   90.00
_cell.angle_gamma   90.00
#
_symmetry.space_group_name_H-M   'P 1'
#
_entity_poly.entity_id   1
_entity_poly.type   'polydeoxyribonucleotide'
_entity_poly.pdbx_seq_one_letter_code
;(DG)(LCG)(DG)(LCG)(DT)(DT)(DT)(DT)(DG)(LCG)(DG)(LCG)
;
_entity_poly.pdbx_strand_id   A,B
#